data_2MJC
#
_entry.id   2MJC
#
loop_
_entity.id
_entity.type
_entity.pdbx_description
1 polymer 'Eukaryotic translation initiation factor 3 subunit G'
2 non-polymer 'ZINC ION'
#
_entity_poly.entity_id   1
_entity_poly.type   'polypeptide(L)'
_entity_poly.pdbx_seq_one_letter_code
;PLGSKGQKIVSCRICKGDHWTTRCPYKDTLGPMQ
;
_entity_poly.pdbx_strand_id   A
#
# COMPACT_ATOMS: atom_id res chain seq x y z
N LYS A 8 6.35 12.97 4.24
CA LYS A 8 6.19 13.83 3.04
C LYS A 8 4.84 13.55 2.39
N ILE A 9 4.76 12.45 1.64
CA ILE A 9 3.52 12.08 0.97
C ILE A 9 3.37 10.56 0.95
N VAL A 10 2.28 10.08 1.56
CA VAL A 10 2.03 8.64 1.61
C VAL A 10 1.44 8.15 0.31
N SER A 11 2.01 7.07 -0.20
CA SER A 11 1.56 6.46 -1.43
C SER A 11 1.86 4.98 -1.45
N CYS A 12 0.82 4.19 -1.58
CA CYS A 12 0.95 2.74 -1.61
C CYS A 12 1.73 2.30 -2.85
N ARG A 13 2.15 1.04 -2.87
CA ARG A 13 2.91 0.50 -4.01
C ARG A 13 2.20 -0.70 -4.62
N ILE A 14 0.89 -0.81 -4.36
CA ILE A 14 0.08 -1.92 -4.88
C ILE A 14 -1.19 -1.38 -5.54
N CYS A 15 -1.77 -0.35 -4.92
CA CYS A 15 -3.00 0.25 -5.42
C CYS A 15 -2.86 1.77 -5.47
N LYS A 16 -1.84 2.30 -4.78
CA LYS A 16 -1.60 3.73 -4.77
C LYS A 16 -2.80 4.48 -4.16
N GLY A 17 -3.23 4.03 -2.99
CA GLY A 17 -4.36 4.65 -2.31
C GLY A 17 -3.88 5.66 -1.27
N ASP A 18 -4.35 5.50 -0.04
CA ASP A 18 -3.96 6.40 1.06
C ASP A 18 -3.39 5.61 2.23
N HIS A 19 -2.26 4.96 1.99
CA HIS A 19 -1.61 4.16 3.02
C HIS A 19 -0.35 3.50 2.46
N TRP A 20 0.69 3.44 3.28
CA TRP A 20 1.95 2.83 2.86
C TRP A 20 1.69 1.44 2.26
N THR A 21 2.77 0.75 1.90
CA THR A 21 2.64 -0.58 1.30
C THR A 21 2.42 -1.64 2.38
N THR A 22 2.80 -1.31 3.62
CA THR A 22 2.63 -2.24 4.72
C THR A 22 1.18 -2.28 5.19
N ARG A 23 0.59 -1.11 5.37
CA ARG A 23 -0.81 -1.01 5.82
C ARG A 23 -1.76 -1.00 4.63
N CYS A 24 -1.37 -1.69 3.56
CA CYS A 24 -2.20 -1.75 2.36
C CYS A 24 -3.28 -2.83 2.52
N PRO A 25 -4.51 -2.55 2.13
CA PRO A 25 -5.62 -3.55 2.25
C PRO A 25 -5.50 -4.66 1.18
N TYR A 26 -4.33 -4.73 0.56
CA TYR A 26 -4.09 -5.75 -0.47
C TYR A 26 -2.61 -6.14 -0.49
N LYS A 27 -2.07 -6.45 0.68
CA LYS A 27 -0.67 -6.85 0.79
C LYS A 27 -0.51 -8.32 0.44
N ASP A 28 -1.51 -8.87 -0.26
CA ASP A 28 -1.48 -10.25 -0.66
C ASP A 28 -0.29 -10.55 -1.56
N THR A 29 0.50 -9.52 -1.81
CA THR A 29 1.68 -9.66 -2.67
C THR A 29 2.83 -10.27 -1.89
N LEU A 30 2.51 -10.98 -0.81
CA LEU A 30 3.54 -11.61 0.01
C LEU A 30 4.08 -12.86 -0.68
N GLY A 31 3.17 -13.74 -1.09
CA GLY A 31 3.57 -14.97 -1.76
C GLY A 31 4.15 -15.97 -0.77
N LYS A 8 5.14 15.02 3.82
CA LYS A 8 3.84 14.30 3.94
C LYS A 8 3.38 13.87 2.54
N ILE A 9 3.78 12.66 2.14
CA ILE A 9 3.40 12.14 0.83
C ILE A 9 3.19 10.62 0.90
N VAL A 10 2.05 10.21 1.46
CA VAL A 10 1.75 8.79 1.58
C VAL A 10 1.22 8.23 0.28
N SER A 11 1.80 7.12 -0.12
CA SER A 11 1.40 6.44 -1.35
C SER A 11 1.78 4.97 -1.30
N CYS A 12 0.77 4.13 -1.43
CA CYS A 12 0.97 2.70 -1.40
C CYS A 12 1.88 2.26 -2.54
N ARG A 13 2.01 0.94 -2.73
CA ARG A 13 2.87 0.41 -3.80
C ARG A 13 2.21 -0.78 -4.47
N ILE A 14 0.91 -0.93 -4.24
CA ILE A 14 0.13 -2.03 -4.83
C ILE A 14 -1.13 -1.49 -5.50
N CYS A 15 -1.69 -0.44 -4.90
CA CYS A 15 -2.90 0.19 -5.41
C CYS A 15 -2.76 1.71 -5.40
N LYS A 16 -1.73 2.20 -4.72
CA LYS A 16 -1.48 3.64 -4.64
C LYS A 16 -2.65 4.35 -3.98
N GLY A 17 -3.09 3.84 -2.84
CA GLY A 17 -4.20 4.43 -2.10
C GLY A 17 -3.70 5.38 -1.02
N ASP A 18 -4.50 5.59 0.01
CA ASP A 18 -4.15 6.48 1.10
C ASP A 18 -3.51 5.69 2.26
N HIS A 19 -2.38 5.06 1.97
CA HIS A 19 -1.69 4.27 2.98
C HIS A 19 -0.41 3.68 2.40
N TRP A 20 0.65 3.68 3.19
CA TRP A 20 1.93 3.13 2.75
C TRP A 20 1.76 1.69 2.28
N THR A 21 2.86 1.02 2.01
CA THR A 21 2.83 -0.36 1.55
C THR A 21 2.66 -1.32 2.73
N THR A 22 3.30 -0.97 3.85
CA THR A 22 3.21 -1.81 5.05
C THR A 22 1.78 -1.82 5.59
N ARG A 23 0.91 -1.03 4.97
CA ARG A 23 -0.49 -0.95 5.39
C ARG A 23 -1.41 -0.88 4.17
N CYS A 24 -1.34 -1.90 3.32
CA CYS A 24 -2.17 -1.96 2.11
C CYS A 24 -3.36 -2.91 2.34
N PRO A 25 -4.57 -2.54 1.98
CA PRO A 25 -5.75 -3.43 2.16
C PRO A 25 -5.76 -4.57 1.15
N TYR A 26 -4.66 -4.71 0.42
CA TYR A 26 -4.53 -5.76 -0.59
C TYR A 26 -3.08 -6.21 -0.73
N LYS A 27 -2.54 -6.79 0.33
CA LYS A 27 -1.16 -7.27 0.32
C LYS A 27 -1.09 -8.66 -0.29
N ASP A 28 -2.08 -9.00 -1.09
CA ASP A 28 -2.14 -10.30 -1.73
C ASP A 28 -0.91 -10.52 -2.61
N THR A 29 -0.06 -9.51 -2.64
CA THR A 29 1.16 -9.57 -3.45
C THR A 29 2.24 -10.37 -2.71
N LEU A 30 2.17 -10.36 -1.39
CA LEU A 30 3.15 -11.10 -0.59
C LEU A 30 2.83 -12.58 -0.57
N GLY A 31 1.74 -12.94 0.11
CA GLY A 31 1.33 -14.34 0.19
C GLY A 31 2.45 -15.20 0.77
N LYS A 8 3.30 13.08 5.19
CA LYS A 8 4.70 13.17 4.69
C LYS A 8 4.73 12.79 3.20
N ILE A 9 4.98 11.51 2.93
CA ILE A 9 5.03 11.03 1.55
C ILE A 9 4.51 9.60 1.47
N VAL A 10 3.30 9.39 1.98
CA VAL A 10 2.69 8.06 1.95
C VAL A 10 2.09 7.76 0.60
N SER A 11 2.47 6.61 0.06
CA SER A 11 1.98 6.18 -1.23
C SER A 11 2.14 4.69 -1.40
N CYS A 12 1.04 4.02 -1.63
CA CYS A 12 1.04 2.57 -1.81
C CYS A 12 1.54 2.22 -3.21
N ARG A 13 2.03 0.99 -3.39
CA ARG A 13 2.55 0.55 -4.70
C ARG A 13 1.67 -0.55 -5.29
N ILE A 14 0.78 -1.08 -4.47
CA ILE A 14 -0.12 -2.15 -4.91
C ILE A 14 -1.39 -1.56 -5.50
N CYS A 15 -1.82 -0.43 -4.93
CA CYS A 15 -3.05 0.24 -5.39
C CYS A 15 -2.85 1.75 -5.45
N LYS A 16 -1.86 2.26 -4.71
CA LYS A 16 -1.58 3.70 -4.70
C LYS A 16 -2.76 4.47 -4.14
N GLY A 17 -3.20 4.07 -2.94
CA GLY A 17 -4.33 4.74 -2.28
C GLY A 17 -3.83 5.77 -1.27
N ASP A 18 -4.32 5.65 -0.04
CA ASP A 18 -3.92 6.58 1.03
C ASP A 18 -3.41 5.79 2.24
N HIS A 19 -2.29 5.10 2.05
CA HIS A 19 -1.70 4.31 3.11
C HIS A 19 -0.41 3.66 2.63
N TRP A 20 0.58 3.60 3.50
CA TRP A 20 1.86 2.99 3.15
C TRP A 20 1.64 1.59 2.58
N THR A 21 2.70 0.96 2.11
CA THR A 21 2.59 -0.38 1.55
C THR A 21 2.43 -1.43 2.64
N THR A 22 2.72 -1.04 3.88
CA THR A 22 2.61 -1.96 5.00
C THR A 22 1.16 -2.07 5.47
N ARG A 23 0.47 -0.93 5.51
CA ARG A 23 -0.93 -0.90 5.95
C ARG A 23 -1.87 -1.03 4.75
N CYS A 24 -1.36 -1.54 3.63
CA CYS A 24 -2.19 -1.71 2.43
C CYS A 24 -3.02 -3.00 2.55
N PRO A 25 -4.31 -2.96 2.26
CA PRO A 25 -5.17 -4.17 2.36
C PRO A 25 -4.91 -5.15 1.22
N TYR A 26 -4.27 -4.67 0.16
CA TYR A 26 -3.96 -5.52 -0.99
C TYR A 26 -2.59 -6.18 -0.82
N LYS A 27 -2.17 -6.32 0.43
CA LYS A 27 -0.88 -6.94 0.72
C LYS A 27 -0.95 -8.45 0.49
N ASP A 28 -1.94 -8.88 -0.27
CA ASP A 28 -2.12 -10.28 -0.57
C ASP A 28 -0.90 -10.84 -1.32
N THR A 29 0.04 -9.95 -1.59
CA THR A 29 1.26 -10.32 -2.30
C THR A 29 2.28 -10.92 -1.33
N LEU A 30 2.97 -10.06 -0.60
CA LEU A 30 3.98 -10.51 0.36
C LEU A 30 3.31 -11.08 1.60
N GLY A 31 4.12 -11.51 2.57
CA GLY A 31 3.59 -12.07 3.80
C GLY A 31 2.56 -13.17 3.51
N LYS A 8 3.62 12.44 5.24
CA LYS A 8 2.67 13.20 4.37
C LYS A 8 2.71 12.61 2.96
N ILE A 9 3.92 12.42 2.44
CA ILE A 9 4.08 11.87 1.10
C ILE A 9 3.79 10.37 1.09
N VAL A 10 2.63 10.01 1.64
CA VAL A 10 2.23 8.60 1.69
C VAL A 10 1.67 8.15 0.36
N SER A 11 2.18 7.03 -0.11
CA SER A 11 1.73 6.45 -1.37
C SER A 11 2.02 4.96 -1.40
N CYS A 12 0.97 4.19 -1.58
CA CYS A 12 1.09 2.74 -1.64
C CYS A 12 1.83 2.32 -2.90
N ARG A 13 2.09 1.02 -3.04
CA ARG A 13 2.81 0.50 -4.22
C ARG A 13 2.08 -0.71 -4.79
N ILE A 14 0.79 -0.82 -4.48
CA ILE A 14 -0.03 -1.92 -4.97
C ILE A 14 -1.33 -1.38 -5.56
N CYS A 15 -1.88 -0.35 -4.94
CA CYS A 15 -3.12 0.27 -5.40
C CYS A 15 -2.98 1.79 -5.46
N LYS A 16 -2.00 2.33 -4.73
CA LYS A 16 -1.76 3.77 -4.72
C LYS A 16 -2.98 4.51 -4.15
N GLY A 17 -3.51 4.01 -3.04
CA GLY A 17 -4.67 4.62 -2.40
C GLY A 17 -4.23 5.71 -1.42
N ASP A 18 -4.33 5.41 -0.13
CA ASP A 18 -3.94 6.36 0.91
C ASP A 18 -3.36 5.63 2.12
N HIS A 19 -2.22 4.98 1.91
CA HIS A 19 -1.57 4.24 2.99
C HIS A 19 -0.30 3.57 2.45
N TRP A 20 0.72 3.49 3.30
CA TRP A 20 1.97 2.87 2.92
C TRP A 20 1.72 1.42 2.50
N THR A 21 2.82 0.70 2.26
CA THR A 21 2.71 -0.71 1.85
C THR A 21 2.48 -1.60 3.07
N THR A 22 3.11 -1.24 4.18
CA THR A 22 2.97 -2.02 5.40
C THR A 22 1.55 -1.92 5.95
N ARG A 23 0.69 -1.20 5.23
CA ARG A 23 -0.70 -1.02 5.66
C ARG A 23 -1.64 -0.99 4.46
N CYS A 24 -1.28 -1.74 3.41
CA CYS A 24 -2.12 -1.81 2.21
C CYS A 24 -3.23 -2.85 2.40
N PRO A 25 -4.46 -2.54 2.03
CA PRO A 25 -5.59 -3.50 2.19
C PRO A 25 -5.53 -4.62 1.16
N TYR A 26 -4.39 -4.71 0.45
CA TYR A 26 -4.21 -5.74 -0.57
C TYR A 26 -2.74 -6.12 -0.68
N LYS A 27 -2.17 -6.61 0.42
CA LYS A 27 -0.77 -7.01 0.42
C LYS A 27 -0.60 -8.38 -0.22
N ASP A 28 -1.57 -8.75 -1.05
CA ASP A 28 -1.53 -10.03 -1.72
C ASP A 28 -0.27 -10.16 -2.56
N THR A 29 0.50 -9.09 -2.59
CA THR A 29 1.75 -9.06 -3.35
C THR A 29 2.90 -9.60 -2.51
N LEU A 30 2.91 -9.24 -1.22
CA LEU A 30 3.96 -9.70 -0.33
C LEU A 30 3.78 -11.18 0.01
N GLY A 31 2.53 -11.57 0.28
CA GLY A 31 2.23 -12.96 0.61
C GLY A 31 2.78 -13.90 -0.46
N LYS A 8 5.06 16.05 2.86
CA LYS A 8 5.08 14.56 2.75
C LYS A 8 3.77 14.09 2.15
N ILE A 9 3.83 13.01 1.36
CA ILE A 9 2.65 12.45 0.73
C ILE A 9 2.75 10.92 0.66
N VAL A 10 1.80 10.26 1.31
CA VAL A 10 1.78 8.80 1.34
C VAL A 10 1.20 8.25 0.05
N SER A 11 1.91 7.27 -0.51
CA SER A 11 1.47 6.61 -1.74
C SER A 11 1.79 5.14 -1.68
N CYS A 12 0.74 4.34 -1.80
CA CYS A 12 0.88 2.90 -1.76
C CYS A 12 1.63 2.40 -2.99
N ARG A 13 2.21 1.19 -2.89
CA ARG A 13 2.97 0.60 -3.99
C ARG A 13 2.27 -0.67 -4.48
N ILE A 14 0.93 -0.64 -4.45
CA ILE A 14 0.14 -1.79 -4.88
C ILE A 14 -1.14 -1.32 -5.56
N CYS A 15 -1.79 -0.33 -4.94
CA CYS A 15 -3.04 0.22 -5.47
C CYS A 15 -2.95 1.75 -5.56
N LYS A 16 -1.96 2.31 -4.88
CA LYS A 16 -1.76 3.75 -4.88
C LYS A 16 -2.98 4.46 -4.32
N GLY A 17 -3.19 4.31 -3.01
CA GLY A 17 -4.33 4.94 -2.32
C GLY A 17 -3.85 5.89 -1.24
N ASP A 18 -4.25 5.61 0.01
CA ASP A 18 -3.85 6.44 1.14
C ASP A 18 -3.29 5.58 2.27
N HIS A 19 -2.20 4.88 1.98
CA HIS A 19 -1.57 4.02 2.97
C HIS A 19 -0.34 3.32 2.37
N TRP A 20 0.71 3.20 3.17
CA TRP A 20 1.93 2.56 2.70
C TRP A 20 1.62 1.17 2.16
N THR A 21 2.68 0.39 1.91
CA THR A 21 2.51 -0.96 1.38
C THR A 21 2.23 -1.96 2.50
N THR A 22 2.67 -1.63 3.71
CA THR A 22 2.46 -2.50 4.86
C THR A 22 1.02 -2.42 5.36
N ARG A 23 0.51 -1.19 5.50
CA ARG A 23 -0.86 -0.99 5.96
C ARG A 23 -1.83 -0.95 4.79
N CYS A 24 -1.45 -1.58 3.68
CA CYS A 24 -2.30 -1.63 2.49
C CYS A 24 -3.29 -2.79 2.59
N PRO A 25 -4.55 -2.60 2.25
CA PRO A 25 -5.56 -3.70 2.31
C PRO A 25 -5.37 -4.71 1.17
N TYR A 26 -4.15 -4.75 0.63
CA TYR A 26 -3.84 -5.67 -0.46
C TYR A 26 -2.37 -6.07 -0.42
N LYS A 27 -1.86 -6.31 0.79
CA LYS A 27 -0.47 -6.71 0.96
C LYS A 27 -0.28 -8.18 0.60
N ASP A 28 -1.28 -8.73 -0.08
CA ASP A 28 -1.24 -10.12 -0.48
C ASP A 28 -0.16 -10.37 -1.53
N THR A 29 0.63 -9.35 -1.78
CA THR A 29 1.72 -9.42 -2.75
C THR A 29 2.93 -10.13 -2.17
N LEU A 30 2.69 -11.06 -1.26
CA LEU A 30 3.78 -11.81 -0.64
C LEU A 30 4.65 -12.45 -1.72
N GLY A 31 4.15 -12.48 -2.95
CA GLY A 31 4.88 -13.07 -4.06
C GLY A 31 5.05 -14.57 -3.85
N LYS A 8 3.47 15.08 4.22
CA LYS A 8 3.91 13.67 4.01
C LYS A 8 3.16 13.08 2.81
N ILE A 9 3.84 13.04 1.67
CA ILE A 9 3.24 12.49 0.46
C ILE A 9 3.24 10.96 0.51
N VAL A 10 2.23 10.40 1.15
CA VAL A 10 2.12 8.95 1.26
C VAL A 10 1.54 8.35 -0.01
N SER A 11 2.19 7.30 -0.49
CA SER A 11 1.76 6.61 -1.69
C SER A 11 2.09 5.13 -1.59
N CYS A 12 1.05 4.32 -1.68
CA CYS A 12 1.21 2.87 -1.62
C CYS A 12 2.07 2.38 -2.77
N ARG A 13 1.98 1.08 -3.07
CA ARG A 13 2.76 0.50 -4.17
C ARG A 13 2.02 -0.68 -4.78
N ILE A 14 0.74 -0.81 -4.44
CA ILE A 14 -0.10 -1.90 -4.96
C ILE A 14 -1.42 -1.35 -5.50
N CYS A 15 -1.92 -0.30 -4.84
CA CYS A 15 -3.18 0.32 -5.24
C CYS A 15 -3.03 1.85 -5.29
N LYS A 16 -1.98 2.36 -4.66
CA LYS A 16 -1.74 3.80 -4.65
C LYS A 16 -2.91 4.53 -3.99
N GLY A 17 -3.35 4.01 -2.85
CA GLY A 17 -4.47 4.62 -2.12
C GLY A 17 -3.99 5.78 -1.26
N ASP A 18 -4.27 5.71 0.04
CA ASP A 18 -3.87 6.78 0.97
C ASP A 18 -3.12 6.19 2.17
N HIS A 19 -2.21 5.27 1.90
CA HIS A 19 -1.43 4.64 2.96
C HIS A 19 -0.13 4.09 2.40
N TRP A 20 0.55 3.29 3.20
CA TRP A 20 1.82 2.69 2.79
C TRP A 20 1.59 1.27 2.26
N THR A 21 2.68 0.60 1.89
CA THR A 21 2.58 -0.76 1.37
C THR A 21 2.46 -1.76 2.53
N THR A 22 2.61 -1.25 3.75
CA THR A 22 2.53 -2.11 4.93
C THR A 22 1.07 -2.35 5.32
N ARG A 23 0.33 -1.27 5.56
CA ARG A 23 -1.07 -1.37 5.95
C ARG A 23 -1.97 -1.38 4.72
N CYS A 24 -1.41 -1.78 3.58
CA CYS A 24 -2.18 -1.81 2.33
C CYS A 24 -3.21 -2.95 2.39
N PRO A 25 -4.45 -2.71 1.98
CA PRO A 25 -5.51 -3.76 2.00
C PRO A 25 -5.31 -4.79 0.88
N TYR A 26 -4.06 -4.93 0.43
CA TYR A 26 -3.75 -5.88 -0.64
C TYR A 26 -2.32 -6.39 -0.48
N LYS A 27 -1.91 -6.62 0.75
CA LYS A 27 -0.56 -7.11 1.03
C LYS A 27 -0.46 -8.60 0.69
N ASP A 28 -1.38 -9.06 -0.15
CA ASP A 28 -1.41 -10.44 -0.56
C ASP A 28 -0.16 -10.80 -1.37
N THR A 29 0.71 -9.82 -1.51
CA THR A 29 1.96 -10.00 -2.25
C THR A 29 3.01 -9.00 -1.79
N LEU A 30 3.25 -8.97 -0.49
CA LEU A 30 4.24 -8.06 0.08
C LEU A 30 5.65 -8.46 -0.36
N GLY A 31 6.07 -7.98 -1.52
CA GLY A 31 7.39 -8.29 -2.04
C GLY A 31 8.45 -8.15 -0.95
N LYS A 8 5.47 13.79 4.36
CA LYS A 8 4.32 12.85 4.52
C LYS A 8 3.85 12.40 3.14
N ILE A 9 4.79 12.20 2.23
CA ILE A 9 4.46 11.77 0.88
C ILE A 9 4.04 10.30 0.86
N VAL A 10 2.85 10.03 1.38
CA VAL A 10 2.35 8.65 1.43
C VAL A 10 1.78 8.25 0.09
N SER A 11 2.22 7.09 -0.38
CA SER A 11 1.77 6.56 -1.65
C SER A 11 2.03 5.07 -1.72
N CYS A 12 0.95 4.32 -1.91
CA CYS A 12 1.05 2.87 -2.00
C CYS A 12 1.57 2.45 -3.37
N ARG A 13 2.03 1.20 -3.47
CA ARG A 13 2.56 0.68 -4.73
C ARG A 13 1.69 -0.45 -5.26
N ILE A 14 0.78 -0.92 -4.41
CA ILE A 14 -0.11 -2.01 -4.79
C ILE A 14 -1.39 -1.45 -5.41
N CYS A 15 -1.84 -0.30 -4.91
CA CYS A 15 -3.06 0.33 -5.41
C CYS A 15 -2.93 1.85 -5.44
N LYS A 16 -1.87 2.38 -4.82
CA LYS A 16 -1.65 3.82 -4.81
C LYS A 16 -2.81 4.53 -4.13
N GLY A 17 -3.30 3.94 -3.03
CA GLY A 17 -4.41 4.53 -2.30
C GLY A 17 -3.91 5.57 -1.29
N ASP A 18 -4.36 5.45 -0.04
CA ASP A 18 -3.95 6.37 1.01
C ASP A 18 -3.33 5.62 2.19
N HIS A 19 -2.15 5.06 1.96
CA HIS A 19 -1.46 4.30 3.00
C HIS A 19 -0.13 3.77 2.47
N TRP A 20 0.80 3.53 3.37
CA TRP A 20 2.11 3.01 3.00
C TRP A 20 1.97 1.76 2.13
N THR A 21 2.34 0.61 2.69
CA THR A 21 2.26 -0.66 1.97
C THR A 21 1.98 -1.79 2.94
N THR A 22 2.68 -1.77 4.07
CA THR A 22 2.47 -2.80 5.09
C THR A 22 1.06 -2.71 5.63
N ARG A 23 0.44 -1.53 5.46
CA ARG A 23 -0.94 -1.31 5.93
C ARG A 23 -1.91 -1.32 4.76
N CYS A 24 -1.39 -1.50 3.54
CA CYS A 24 -2.25 -1.54 2.36
C CYS A 24 -3.21 -2.73 2.44
N PRO A 25 -4.48 -2.55 2.12
CA PRO A 25 -5.47 -3.67 2.19
C PRO A 25 -5.27 -4.67 1.04
N TYR A 26 -4.04 -4.76 0.54
CA TYR A 26 -3.72 -5.68 -0.56
C TYR A 26 -2.28 -6.15 -0.47
N LYS A 27 -1.78 -6.28 0.76
CA LYS A 27 -0.40 -6.72 0.95
C LYS A 27 -0.26 -8.21 0.65
N ASP A 28 -1.24 -8.75 -0.06
CA ASP A 28 -1.25 -10.15 -0.42
C ASP A 28 0.00 -10.52 -1.20
N THR A 29 0.82 -9.52 -1.47
CA THR A 29 2.06 -9.72 -2.21
C THR A 29 3.15 -10.28 -1.29
N LEU A 30 3.77 -9.38 -0.53
CA LEU A 30 4.83 -9.79 0.39
C LEU A 30 4.44 -11.06 1.14
N GLY A 31 3.32 -11.00 1.85
CA GLY A 31 2.84 -12.15 2.61
C GLY A 31 2.16 -13.16 1.70
N LYS A 8 3.84 12.89 5.95
CA LYS A 8 2.71 13.37 5.10
C LYS A 8 2.82 12.75 3.71
N ILE A 9 1.91 13.15 2.82
CA ILE A 9 1.90 12.65 1.45
C ILE A 9 2.27 11.16 1.42
N VAL A 10 1.25 10.30 1.45
CA VAL A 10 1.45 8.86 1.44
C VAL A 10 0.98 8.26 0.12
N SER A 11 1.81 7.41 -0.45
CA SER A 11 1.49 6.74 -1.70
C SER A 11 1.79 5.26 -1.60
N CYS A 12 0.75 4.47 -1.79
CA CYS A 12 0.87 3.02 -1.74
C CYS A 12 1.60 2.50 -2.97
N ARG A 13 2.16 1.29 -2.87
CA ARG A 13 2.90 0.68 -3.98
C ARG A 13 2.17 -0.56 -4.48
N ILE A 14 0.86 -0.64 -4.23
CA ILE A 14 0.05 -1.77 -4.66
C ILE A 14 -1.22 -1.29 -5.35
N CYS A 15 -1.82 -0.24 -4.80
CA CYS A 15 -3.06 0.33 -5.35
C CYS A 15 -2.95 1.85 -5.42
N LYS A 16 -1.89 2.39 -4.84
CA LYS A 16 -1.67 3.84 -4.86
C LYS A 16 -2.86 4.56 -4.24
N GLY A 17 -3.38 4.03 -3.13
CA GLY A 17 -4.51 4.63 -2.44
C GLY A 17 -4.05 5.68 -1.44
N ASP A 18 -4.16 5.35 -0.15
CA ASP A 18 -3.75 6.27 0.91
C ASP A 18 -3.21 5.48 2.10
N HIS A 19 -2.08 4.81 1.88
CA HIS A 19 -1.45 4.01 2.93
C HIS A 19 -0.25 3.27 2.39
N TRP A 20 0.80 3.18 3.19
CA TRP A 20 2.02 2.49 2.77
C TRP A 20 1.69 1.10 2.23
N THR A 21 2.72 0.34 1.87
CA THR A 21 2.52 -0.99 1.34
C THR A 21 2.27 -1.99 2.47
N THR A 22 2.66 -1.63 3.68
CA THR A 22 2.48 -2.51 4.83
C THR A 22 1.04 -2.45 5.33
N ARG A 23 0.52 -1.23 5.50
CA ARG A 23 -0.84 -1.03 5.97
C ARG A 23 -1.82 -0.98 4.80
N CYS A 24 -1.43 -1.59 3.68
CA CYS A 24 -2.28 -1.60 2.49
C CYS A 24 -3.29 -2.77 2.57
N PRO A 25 -4.54 -2.56 2.23
CA PRO A 25 -5.57 -3.64 2.28
C PRO A 25 -5.37 -4.65 1.14
N TYR A 26 -4.16 -4.71 0.60
CA TYR A 26 -3.86 -5.64 -0.49
C TYR A 26 -2.39 -6.06 -0.44
N LYS A 27 -1.90 -6.28 0.77
CA LYS A 27 -0.51 -6.69 0.95
C LYS A 27 -0.34 -8.16 0.59
N ASP A 28 -1.30 -8.69 -0.15
CA ASP A 28 -1.27 -10.08 -0.57
C ASP A 28 0.00 -10.39 -1.34
N THR A 29 0.79 -9.35 -1.58
CA THR A 29 2.05 -9.49 -2.32
C THR A 29 3.15 -9.99 -1.40
N LEU A 30 2.93 -9.89 -0.09
CA LEU A 30 3.91 -10.32 0.90
C LEU A 30 5.22 -9.57 0.71
N GLY A 31 5.98 -9.95 -0.31
CA GLY A 31 7.25 -9.29 -0.58
C GLY A 31 8.31 -9.71 0.44
N LYS A 8 5.10 13.84 4.28
CA LYS A 8 4.96 14.51 2.95
C LYS A 8 3.67 14.05 2.29
N ILE A 9 3.76 12.98 1.49
CA ILE A 9 2.60 12.44 0.80
C ILE A 9 2.67 10.91 0.76
N VAL A 10 1.70 10.26 1.38
CA VAL A 10 1.65 8.81 1.42
C VAL A 10 1.10 8.24 0.12
N SER A 11 1.80 7.24 -0.40
CA SER A 11 1.40 6.58 -1.63
C SER A 11 1.75 5.11 -1.59
N CYS A 12 0.72 4.29 -1.71
CA CYS A 12 0.90 2.85 -1.68
C CYS A 12 1.68 2.38 -2.90
N ARG A 13 2.16 1.14 -2.86
CA ARG A 13 2.95 0.58 -3.98
C ARG A 13 2.26 -0.68 -4.52
N ILE A 14 0.93 -0.69 -4.49
CA ILE A 14 0.15 -1.82 -4.99
C ILE A 14 -1.14 -1.33 -5.63
N CYS A 15 -1.77 -0.36 -4.97
CA CYS A 15 -3.03 0.22 -5.46
C CYS A 15 -2.92 1.73 -5.53
N LYS A 16 -1.92 2.28 -4.83
CA LYS A 16 -1.70 3.72 -4.83
C LYS A 16 -2.93 4.44 -4.28
N GLY A 17 -3.16 4.27 -2.98
CA GLY A 17 -4.30 4.91 -2.30
C GLY A 17 -3.82 5.88 -1.23
N ASP A 18 -4.27 5.66 0.00
CA ASP A 18 -3.89 6.52 1.13
C ASP A 18 -3.32 5.68 2.27
N HIS A 19 -2.22 4.97 1.99
CA HIS A 19 -1.58 4.13 2.99
C HIS A 19 -0.36 3.44 2.40
N TRP A 20 0.69 3.32 3.20
CA TRP A 20 1.92 2.69 2.74
C TRP A 20 1.62 1.29 2.19
N THR A 21 2.66 0.51 1.95
CA THR A 21 2.50 -0.84 1.43
C THR A 21 2.20 -1.83 2.54
N THR A 22 2.77 -1.57 3.72
CA THR A 22 2.56 -2.44 4.87
C THR A 22 1.10 -2.40 5.33
N ARG A 23 0.56 -1.19 5.46
CA ARG A 23 -0.82 -1.02 5.89
C ARG A 23 -1.77 -1.01 4.68
N CYS A 24 -1.34 -1.65 3.59
CA CYS A 24 -2.16 -1.70 2.39
C CYS A 24 -3.24 -2.79 2.54
N PRO A 25 -4.47 -2.54 2.15
CA PRO A 25 -5.55 -3.56 2.24
C PRO A 25 -5.40 -4.64 1.19
N TYR A 26 -4.20 -4.75 0.61
CA TYR A 26 -3.94 -5.74 -0.43
C TYR A 26 -2.48 -6.17 -0.40
N LYS A 27 -1.97 -6.51 0.77
CA LYS A 27 -0.57 -6.94 0.91
C LYS A 27 -0.44 -8.41 0.50
N ASP A 28 -1.48 -8.93 -0.14
CA ASP A 28 -1.50 -10.30 -0.58
C ASP A 28 -0.30 -10.60 -1.49
N THR A 29 0.46 -9.56 -1.79
CA THR A 29 1.63 -9.69 -2.64
C THR A 29 2.82 -10.22 -1.84
N LEU A 30 2.63 -10.36 -0.54
CA LEU A 30 3.69 -10.85 0.33
C LEU A 30 3.94 -12.33 0.09
N GLY A 31 5.20 -12.68 -0.19
CA GLY A 31 5.55 -14.06 -0.45
C GLY A 31 5.33 -14.92 0.80
N LYS A 8 6.69 11.65 4.10
CA LYS A 8 5.48 12.51 4.00
C LYS A 8 4.67 12.09 2.77
N ILE A 9 5.37 11.83 1.67
CA ILE A 9 4.71 11.43 0.43
C ILE A 9 4.31 9.96 0.49
N VAL A 10 3.18 9.68 1.13
CA VAL A 10 2.69 8.31 1.26
C VAL A 10 2.01 7.85 -0.02
N SER A 11 2.44 6.69 -0.50
CA SER A 11 1.87 6.13 -1.71
C SER A 11 2.15 4.64 -1.78
N CYS A 12 1.08 3.87 -1.84
CA CYS A 12 1.19 2.42 -1.91
C CYS A 12 1.87 2.01 -3.21
N ARG A 13 2.29 0.74 -3.29
CA ARG A 13 2.97 0.23 -4.49
C ARG A 13 2.19 -0.93 -5.09
N ILE A 14 0.89 -0.98 -4.80
CA ILE A 14 0.03 -2.05 -5.31
C ILE A 14 -1.25 -1.46 -5.90
N CYS A 15 -1.76 -0.41 -5.25
CA CYS A 15 -2.99 0.24 -5.71
C CYS A 15 -2.86 1.76 -5.61
N LYS A 16 -1.83 2.23 -4.90
CA LYS A 16 -1.62 3.67 -4.74
C LYS A 16 -2.83 4.32 -4.07
N GLY A 17 -3.28 3.71 -2.98
CA GLY A 17 -4.42 4.24 -2.25
C GLY A 17 -3.98 5.33 -1.28
N ASP A 18 -4.24 5.12 0.01
CA ASP A 18 -3.87 6.11 1.03
C ASP A 18 -3.36 5.41 2.29
N HIS A 19 -2.20 4.76 2.18
CA HIS A 19 -1.62 4.06 3.32
C HIS A 19 -0.10 3.96 3.15
N TRP A 20 0.55 3.52 4.21
CA TRP A 20 2.00 3.36 4.22
C TRP A 20 2.40 2.09 3.48
N THR A 21 1.58 1.69 2.50
CA THR A 21 1.87 0.50 1.71
C THR A 21 1.82 -0.75 2.60
N THR A 22 2.77 -0.86 3.51
CA THR A 22 2.83 -1.99 4.42
C THR A 22 1.43 -2.34 4.94
N ARG A 23 0.70 -1.31 5.39
CA ARG A 23 -0.65 -1.52 5.92
C ARG A 23 -1.68 -1.41 4.81
N CYS A 24 -1.28 -1.75 3.59
CA CYS A 24 -2.19 -1.70 2.44
C CYS A 24 -3.27 -2.77 2.57
N PRO A 25 -4.52 -2.47 2.28
CA PRO A 25 -5.62 -3.47 2.37
C PRO A 25 -5.54 -4.51 1.25
N TYR A 26 -4.41 -4.53 0.55
CA TYR A 26 -4.21 -5.47 -0.56
C TYR A 26 -2.74 -5.86 -0.65
N LYS A 27 -2.16 -6.24 0.48
CA LYS A 27 -0.75 -6.64 0.52
C LYS A 27 -0.61 -8.10 0.08
N ASP A 28 -1.63 -8.60 -0.59
CA ASP A 28 -1.63 -9.98 -1.06
C ASP A 28 -0.42 -10.24 -1.96
N THR A 29 0.34 -9.19 -2.21
CA THR A 29 1.53 -9.30 -3.06
C THR A 29 2.70 -9.84 -2.25
N LEU A 30 2.63 -9.68 -0.94
CA LEU A 30 3.70 -10.16 -0.05
C LEU A 30 3.76 -11.69 -0.09
N GLY A 31 2.71 -12.33 0.42
CA GLY A 31 2.67 -13.78 0.44
C GLY A 31 1.26 -14.28 0.74
N LYS A 8 5.08 15.50 1.31
CA LYS A 8 4.17 15.05 2.40
C LYS A 8 2.91 14.46 1.79
N ILE A 9 3.06 13.34 1.07
CA ILE A 9 1.94 12.68 0.42
C ILE A 9 2.11 11.17 0.49
N VAL A 10 1.17 10.49 1.14
CA VAL A 10 1.22 9.04 1.27
C VAL A 10 0.73 8.36 0.01
N SER A 11 1.52 7.40 -0.45
CA SER A 11 1.17 6.65 -1.65
C SER A 11 1.65 5.21 -1.51
N CYS A 12 0.70 4.30 -1.60
CA CYS A 12 0.99 2.88 -1.49
C CYS A 12 1.95 2.45 -2.61
N ARG A 13 2.14 1.14 -2.76
CA ARG A 13 3.04 0.61 -3.79
C ARG A 13 2.44 -0.65 -4.40
N ILE A 14 1.15 -0.88 -4.14
CA ILE A 14 0.44 -2.06 -4.66
C ILE A 14 -0.85 -1.63 -5.33
N CYS A 15 -1.49 -0.60 -4.76
CA CYS A 15 -2.73 -0.07 -5.29
C CYS A 15 -2.69 1.45 -5.35
N LYS A 16 -1.66 2.03 -4.75
CA LYS A 16 -1.51 3.48 -4.74
C LYS A 16 -2.68 4.13 -4.02
N GLY A 17 -3.11 3.51 -2.93
CA GLY A 17 -4.23 4.04 -2.14
C GLY A 17 -3.73 5.03 -1.10
N ASP A 18 -4.59 5.33 -0.13
CA ASP A 18 -4.22 6.27 0.94
C ASP A 18 -3.58 5.55 2.11
N HIS A 19 -2.42 4.93 1.85
CA HIS A 19 -1.70 4.20 2.88
C HIS A 19 -0.42 3.59 2.32
N TRP A 20 0.63 3.60 3.12
CA TRP A 20 1.90 3.04 2.70
C TRP A 20 1.76 1.57 2.36
N THR A 21 2.88 0.88 2.20
CA THR A 21 2.87 -0.54 1.88
C THR A 21 2.63 -1.36 3.14
N THR A 22 3.41 -1.09 4.18
CA THR A 22 3.27 -1.82 5.43
C THR A 22 1.83 -1.76 5.94
N ARG A 23 1.00 -0.97 5.26
CA ARG A 23 -0.41 -0.84 5.65
C ARG A 23 -1.31 -0.83 4.41
N CYS A 24 -1.12 -1.84 3.55
CA CYS A 24 -1.92 -1.96 2.33
C CYS A 24 -2.98 -3.06 2.48
N PRO A 25 -4.24 -2.73 2.65
CA PRO A 25 -5.31 -3.76 2.80
C PRO A 25 -5.74 -4.34 1.46
N TYR A 26 -4.78 -4.49 0.55
CA TYR A 26 -5.06 -5.03 -0.78
C TYR A 26 -3.84 -5.78 -1.32
N LYS A 27 -3.00 -6.25 -0.40
CA LYS A 27 -1.79 -6.98 -0.79
C LYS A 27 -2.15 -8.36 -1.37
N ASP A 28 -3.42 -8.52 -1.73
CA ASP A 28 -3.88 -9.78 -2.28
C ASP A 28 -3.09 -10.16 -3.52
N THR A 29 -2.20 -9.27 -3.92
CA THR A 29 -1.35 -9.50 -5.09
C THR A 29 -0.17 -10.41 -4.73
N LEU A 30 0.75 -9.86 -3.94
CA LEU A 30 1.93 -10.62 -3.54
C LEU A 30 2.73 -11.08 -4.74
N GLY A 31 2.23 -12.10 -5.43
CA GLY A 31 2.91 -12.61 -6.62
C GLY A 31 2.29 -13.94 -7.06
N LYS A 8 4.49 13.82 4.81
CA LYS A 8 3.46 12.76 4.66
C LYS A 8 3.48 12.23 3.23
N ILE A 9 4.65 11.87 2.75
CA ILE A 9 4.78 11.35 1.39
C ILE A 9 4.32 9.90 1.32
N VAL A 10 3.10 9.66 1.80
CA VAL A 10 2.54 8.31 1.79
C VAL A 10 2.00 7.97 0.42
N SER A 11 2.39 6.81 -0.07
CA SER A 11 1.94 6.34 -1.37
C SER A 11 2.13 4.84 -1.49
N CYS A 12 1.04 4.16 -1.72
CA CYS A 12 1.05 2.71 -1.87
C CYS A 12 1.54 2.32 -3.26
N ARG A 13 2.05 1.09 -3.40
CA ARG A 13 2.56 0.61 -4.69
C ARG A 13 1.69 -0.50 -5.24
N ILE A 14 0.78 -0.99 -4.40
CA ILE A 14 -0.12 -2.07 -4.79
C ILE A 14 -1.39 -1.49 -5.41
N CYS A 15 -1.84 -0.35 -4.87
CA CYS A 15 -3.05 0.30 -5.36
C CYS A 15 -2.88 1.82 -5.42
N LYS A 16 -1.85 2.34 -4.75
CA LYS A 16 -1.60 3.77 -4.75
C LYS A 16 -2.77 4.52 -4.14
N GLY A 17 -3.21 4.07 -2.97
CA GLY A 17 -4.33 4.70 -2.27
C GLY A 17 -3.82 5.73 -1.26
N ASP A 18 -4.25 5.59 -0.01
CA ASP A 18 -3.85 6.51 1.06
C ASP A 18 -3.32 5.73 2.26
N HIS A 19 -2.20 5.04 2.07
CA HIS A 19 -1.61 4.26 3.14
C HIS A 19 -0.32 3.60 2.65
N TRP A 20 0.59 3.35 3.58
CA TRP A 20 1.85 2.71 3.24
C TRP A 20 1.62 1.27 2.78
N THR A 21 2.48 0.79 1.88
CA THR A 21 2.34 -0.57 1.37
C THR A 21 2.14 -1.56 2.50
N THR A 22 2.64 -1.23 3.68
CA THR A 22 2.50 -2.11 4.84
C THR A 22 1.05 -2.19 5.29
N ARG A 23 0.42 -1.03 5.46
CA ARG A 23 -0.98 -0.97 5.91
C ARG A 23 -1.92 -1.00 4.71
N CYS A 24 -1.46 -1.52 3.58
CA CYS A 24 -2.29 -1.60 2.38
C CYS A 24 -3.22 -2.81 2.45
N PRO A 25 -4.49 -2.67 2.13
CA PRO A 25 -5.45 -3.82 2.17
C PRO A 25 -5.27 -4.77 0.98
N TYR A 26 -4.03 -4.89 0.51
CA TYR A 26 -3.73 -5.75 -0.62
C TYR A 26 -2.31 -6.30 -0.53
N LYS A 27 -1.81 -6.40 0.69
CA LYS A 27 -0.45 -6.91 0.91
C LYS A 27 -0.36 -8.40 0.56
N ASP A 28 -1.36 -8.90 -0.15
CA ASP A 28 -1.39 -10.29 -0.55
C ASP A 28 -0.18 -10.63 -1.42
N THR A 29 0.62 -9.60 -1.70
CA THR A 29 1.81 -9.76 -2.53
C THR A 29 3.07 -9.63 -1.66
N LEU A 30 3.57 -8.40 -1.54
CA LEU A 30 4.77 -8.16 -0.75
C LEU A 30 4.87 -6.69 -0.38
N GLY A 31 4.50 -6.36 0.85
CA GLY A 31 4.55 -4.97 1.32
C GLY A 31 5.97 -4.45 1.31
N LYS A 8 5.86 12.52 4.31
CA LYS A 8 4.40 12.61 4.56
C LYS A 8 3.64 12.17 3.30
N ILE A 9 4.36 12.07 2.19
CA ILE A 9 3.76 11.66 0.94
C ILE A 9 3.47 10.16 0.94
N VAL A 10 2.31 9.79 1.47
CA VAL A 10 1.92 8.39 1.54
C VAL A 10 1.41 7.90 0.20
N SER A 11 1.96 6.77 -0.23
CA SER A 11 1.55 6.17 -1.49
C SER A 11 1.93 4.70 -1.53
N CYS A 12 0.92 3.87 -1.70
CA CYS A 12 1.12 2.43 -1.76
C CYS A 12 2.03 2.06 -2.92
N ARG A 13 2.21 0.77 -3.15
CA ARG A 13 3.05 0.28 -4.24
C ARG A 13 2.36 -0.87 -4.96
N ILE A 14 1.04 -0.89 -4.89
CA ILE A 14 0.24 -1.94 -5.54
C ILE A 14 -1.06 -1.36 -6.09
N CYS A 15 -1.63 -0.39 -5.38
CA CYS A 15 -2.89 0.24 -5.79
C CYS A 15 -2.82 1.75 -5.62
N LYS A 16 -1.75 2.23 -4.97
CA LYS A 16 -1.58 3.66 -4.76
C LYS A 16 -2.84 4.28 -4.18
N GLY A 17 -3.35 3.68 -3.11
CA GLY A 17 -4.56 4.18 -2.44
C GLY A 17 -4.19 5.25 -1.42
N ASP A 18 -4.22 4.87 -0.14
CA ASP A 18 -3.89 5.80 0.94
C ASP A 18 -3.38 5.03 2.16
N HIS A 19 -2.10 4.68 2.14
CA HIS A 19 -1.51 3.95 3.24
C HIS A 19 0.00 3.81 3.02
N TRP A 20 0.69 3.50 4.10
CA TRP A 20 2.15 3.33 4.07
C TRP A 20 2.52 2.03 3.35
N THR A 21 1.69 1.63 2.39
CA THR A 21 1.95 0.41 1.64
C THR A 21 1.89 -0.81 2.58
N THR A 22 2.85 -0.92 3.47
CA THR A 22 2.89 -2.03 4.42
C THR A 22 1.50 -2.31 4.97
N ARG A 23 0.80 -1.26 5.40
CA ARG A 23 -0.54 -1.41 5.96
C ARG A 23 -1.60 -1.31 4.86
N CYS A 24 -1.22 -1.70 3.64
CA CYS A 24 -2.13 -1.66 2.51
C CYS A 24 -3.25 -2.69 2.69
N PRO A 25 -4.50 -2.35 2.39
CA PRO A 25 -5.63 -3.30 2.53
C PRO A 25 -5.63 -4.36 1.43
N TYR A 26 -4.56 -4.38 0.63
CA TYR A 26 -4.43 -5.34 -0.46
C TYR A 26 -2.98 -5.79 -0.62
N LYS A 27 -2.37 -6.21 0.49
CA LYS A 27 -0.97 -6.65 0.46
C LYS A 27 -0.90 -8.11 0.04
N ASP A 28 -1.98 -8.60 -0.58
CA ASP A 28 -2.05 -9.97 -1.02
C ASP A 28 -0.91 -10.30 -1.99
N THR A 29 -0.13 -9.28 -2.29
CA THR A 29 1.02 -9.44 -3.20
C THR A 29 2.20 -10.04 -2.46
N LEU A 30 2.35 -9.69 -1.19
CA LEU A 30 3.46 -10.20 -0.39
C LEU A 30 3.19 -11.65 0.02
N GLY A 31 4.25 -12.37 0.33
CA GLY A 31 4.11 -13.77 0.73
C GLY A 31 5.43 -14.52 0.57
N LYS A 8 0.06 13.86 4.96
CA LYS A 8 -1.38 14.12 4.62
C LYS A 8 -1.89 13.02 3.72
N ILE A 9 -1.19 12.79 2.60
CA ILE A 9 -1.58 11.76 1.65
C ILE A 9 -0.35 11.07 1.07
N VAL A 10 -0.21 9.78 1.35
CA VAL A 10 0.93 9.00 0.87
C VAL A 10 0.50 8.00 -0.19
N SER A 11 1.30 7.88 -1.24
CA SER A 11 1.00 6.95 -2.32
C SER A 11 1.52 5.57 -1.98
N CYS A 12 0.59 4.63 -1.93
CA CYS A 12 0.93 3.24 -1.62
C CYS A 12 1.94 2.71 -2.65
N ARG A 13 2.00 1.39 -2.80
CA ARG A 13 2.95 0.78 -3.75
C ARG A 13 2.33 -0.47 -4.39
N ILE A 14 1.05 -0.69 -4.12
CA ILE A 14 0.34 -1.85 -4.65
C ILE A 14 -0.97 -1.41 -5.30
N CYS A 15 -1.59 -0.39 -4.70
CA CYS A 15 -2.85 0.15 -5.21
C CYS A 15 -2.75 1.67 -5.34
N LYS A 16 -1.66 2.22 -4.81
CA LYS A 16 -1.44 3.65 -4.87
C LYS A 16 -2.59 4.40 -4.22
N GLY A 17 -3.10 3.87 -3.11
CA GLY A 17 -4.20 4.49 -2.40
C GLY A 17 -3.71 5.56 -1.44
N ASP A 18 -4.23 5.53 -0.21
CA ASP A 18 -3.82 6.48 0.83
C ASP A 18 -3.24 5.76 2.03
N HIS A 19 -2.13 5.07 1.82
CA HIS A 19 -1.47 4.35 2.89
C HIS A 19 -0.24 3.62 2.37
N TRP A 20 0.78 3.50 3.22
CA TRP A 20 2.01 2.83 2.84
C TRP A 20 1.72 1.38 2.45
N THR A 21 2.77 0.58 2.34
CA THR A 21 2.61 -0.83 1.98
C THR A 21 2.27 -1.66 3.21
N THR A 22 3.10 -1.54 4.24
CA THR A 22 2.89 -2.28 5.47
C THR A 22 1.43 -2.18 5.92
N ARG A 23 0.72 -1.18 5.37
CA ARG A 23 -0.69 -0.97 5.70
C ARG A 23 -1.52 -0.94 4.43
N CYS A 24 -1.39 -1.99 3.62
CA CYS A 24 -2.13 -2.10 2.36
C CYS A 24 -2.94 -3.39 2.34
N PRO A 25 -4.07 -3.41 3.00
CA PRO A 25 -4.94 -4.61 3.05
C PRO A 25 -5.11 -5.28 1.69
N TYR A 26 -4.68 -4.58 0.64
CA TYR A 26 -4.79 -5.10 -0.72
C TYR A 26 -3.53 -5.88 -1.08
N LYS A 27 -2.80 -6.32 -0.06
CA LYS A 27 -1.57 -7.07 -0.28
C LYS A 27 -1.88 -8.53 -0.61
N ASP A 28 -3.13 -8.79 -0.96
CA ASP A 28 -3.56 -10.13 -1.28
C ASP A 28 -2.97 -10.57 -2.62
N THR A 29 -2.22 -9.67 -3.23
CA THR A 29 -1.59 -9.94 -4.53
C THR A 29 -0.20 -10.53 -4.32
N LEU A 30 0.44 -10.19 -3.21
CA LEU A 30 1.78 -10.69 -2.92
C LEU A 30 1.84 -12.20 -3.18
N GLY A 31 1.19 -12.97 -2.30
CA GLY A 31 1.18 -14.42 -2.45
C GLY A 31 0.66 -14.83 -3.82
N LYS A 8 5.08 15.60 4.35
CA LYS A 8 5.04 14.12 4.24
C LYS A 8 4.15 13.72 3.06
N ILE A 9 4.41 12.55 2.48
CA ILE A 9 3.64 12.06 1.34
C ILE A 9 3.41 10.56 1.47
N VAL A 10 2.14 10.17 1.58
CA VAL A 10 1.77 8.76 1.70
C VAL A 10 1.21 8.24 0.41
N SER A 11 1.75 7.12 -0.04
CA SER A 11 1.31 6.50 -1.28
C SER A 11 1.73 5.04 -1.31
N CYS A 12 0.75 4.17 -1.46
CA CYS A 12 0.99 2.75 -1.52
C CYS A 12 1.73 2.39 -2.80
N ARG A 13 2.08 1.11 -2.97
CA ARG A 13 2.80 0.67 -4.17
C ARG A 13 2.07 -0.49 -4.85
N ILE A 14 1.16 -1.12 -4.11
CA ILE A 14 0.40 -2.25 -4.64
C ILE A 14 -0.88 -1.76 -5.29
N CYS A 15 -1.44 -0.68 -4.75
CA CYS A 15 -2.68 -0.12 -5.27
C CYS A 15 -2.59 1.41 -5.36
N LYS A 16 -1.62 1.99 -4.67
CA LYS A 16 -1.44 3.44 -4.69
C LYS A 16 -2.66 4.14 -4.14
N GLY A 17 -3.17 3.65 -3.00
CA GLY A 17 -4.35 4.23 -2.37
C GLY A 17 -3.94 5.33 -1.39
N ASP A 18 -4.46 5.23 -0.16
CA ASP A 18 -4.15 6.22 0.88
C ASP A 18 -3.56 5.53 2.10
N HIS A 19 -2.38 4.95 1.93
CA HIS A 19 -1.70 4.27 3.02
C HIS A 19 -0.38 3.68 2.54
N TRP A 20 0.64 3.77 3.39
CA TRP A 20 1.96 3.25 3.03
C TRP A 20 1.86 1.78 2.64
N THR A 21 3.00 1.18 2.33
CA THR A 21 3.04 -0.22 1.94
C THR A 21 2.81 -1.12 3.15
N THR A 22 3.48 -0.78 4.25
CA THR A 22 3.34 -1.57 5.47
C THR A 22 1.89 -1.60 5.94
N ARG A 23 1.02 -0.91 5.21
CA ARG A 23 -0.40 -0.86 5.56
C ARG A 23 -1.27 -0.85 4.29
N CYS A 24 -1.12 -1.90 3.47
CA CYS A 24 -1.90 -2.02 2.23
C CYS A 24 -2.96 -3.12 2.39
N PRO A 25 -4.21 -2.78 2.61
CA PRO A 25 -5.27 -3.81 2.77
C PRO A 25 -5.76 -4.36 1.43
N TYR A 26 -4.82 -4.60 0.53
CA TYR A 26 -5.15 -5.15 -0.79
C TYR A 26 -4.01 -5.98 -1.35
N LYS A 27 -3.11 -6.41 -0.47
CA LYS A 27 -1.98 -7.22 -0.89
C LYS A 27 -2.43 -8.61 -1.33
N ASP A 28 -3.75 -8.76 -1.50
CA ASP A 28 -4.32 -10.02 -1.91
C ASP A 28 -3.78 -10.47 -3.26
N THR A 29 -2.94 -9.61 -3.84
CA THR A 29 -2.33 -9.88 -5.14
C THR A 29 -0.95 -10.50 -4.96
N LEU A 30 -0.23 -10.04 -3.94
CA LEU A 30 1.11 -10.55 -3.67
C LEU A 30 1.07 -12.05 -3.40
N GLY A 31 1.55 -12.83 -4.36
CA GLY A 31 1.56 -14.29 -4.22
C GLY A 31 1.98 -14.95 -5.52
#